data_3O3Q
#
_entry.id   3O3Q
#
_cell.length_a   46.920
_cell.length_b   56.890
_cell.length_c   61.920
_cell.angle_alpha   64.94
_cell.angle_beta   89.76
_cell.angle_gamma   71.27
#
_symmetry.space_group_name_H-M   'P 1'
#
loop_
_entity.id
_entity.type
_entity.pdbx_description
1 polymer 'Heparin-binding growth factor 1'
2 non-polymer GLYCEROL
3 water water
#
_entity_poly.entity_id   1
_entity_poly.type   'polypeptide(L)'
_entity_poly.pdbx_seq_one_letter_code
;HHHHHHFNLPPGNYKKPKLLYCSNGGHFLRILPDGTVDGTRDRSDQHIQFQLSAESVGEVYIKSTETGQYLAIDTDGLVY
GSQTPNEECLFLERLEENHYNTYISKKHGWYLGIKKNGSVKGTHYGQKAILFLPLPVSSD
;
_entity_poly.pdbx_strand_id   A,B,C,D
#
loop_
_chem_comp.id
_chem_comp.type
_chem_comp.name
_chem_comp.formula
GOL non-polymer GLYCEROL 'C3 H8 O3'
#
# COMPACT_ATOMS: atom_id res chain seq x y z
N LYS A 16 7.31 14.69 7.38
CA LYS A 16 8.40 15.15 6.53
C LYS A 16 8.52 14.27 5.28
N PRO A 17 8.05 14.79 4.13
CA PRO A 17 8.08 14.06 2.86
C PRO A 17 9.51 13.86 2.38
N LYS A 18 9.76 12.81 1.61
CA LYS A 18 11.10 12.49 1.15
C LYS A 18 11.14 12.25 -0.35
N LEU A 19 12.22 12.66 -1.00
CA LEU A 19 12.54 12.16 -2.33
C LEU A 19 13.25 10.85 -2.13
N LEU A 20 13.12 9.94 -3.08
CA LEU A 20 13.87 8.70 -3.05
C LEU A 20 14.77 8.64 -4.26
N TYR A 21 16.04 8.97 -4.05
CA TYR A 21 17.00 9.11 -5.14
C TYR A 21 17.78 7.83 -5.33
N CYS A 22 17.71 7.27 -6.54
CA CYS A 22 18.44 6.03 -6.83
C CYS A 22 19.80 6.36 -7.43
N SER A 23 20.86 5.89 -6.77
CA SER A 23 22.23 6.21 -7.19
C SER A 23 22.69 5.51 -8.46
N ASN A 24 21.92 4.54 -8.92
CA ASN A 24 22.28 3.77 -10.10
C ASN A 24 22.35 4.62 -11.38
N GLY A 25 21.22 5.21 -11.76
CA GLY A 25 21.18 6.11 -12.91
C GLY A 25 20.86 7.54 -12.51
N GLY A 26 20.75 7.77 -11.20
CA GLY A 26 20.47 9.10 -10.68
C GLY A 26 19.04 9.52 -10.91
N HIS A 27 18.11 8.60 -10.68
CA HIS A 27 16.68 8.89 -10.89
C HIS A 27 15.97 9.02 -9.57
N PHE A 28 14.99 9.91 -9.53
CA PHE A 28 14.08 9.98 -8.42
C PHE A 28 12.90 9.06 -8.73
N LEU A 29 12.54 8.25 -7.74
CA LEU A 29 11.37 7.41 -7.85
C LEU A 29 10.16 8.29 -8.11
N ARG A 30 9.29 7.84 -9.02
CA ARG A 30 8.10 8.59 -9.39
C ARG A 30 6.89 7.68 -9.55
N ILE A 31 5.76 8.08 -8.99
CA ILE A 31 4.50 7.41 -9.27
C ILE A 31 3.54 8.41 -9.90
N LEU A 32 3.23 8.22 -11.17
CA LEU A 32 2.29 9.12 -11.85
C LEU A 32 0.89 8.82 -11.40
N PRO A 33 -0.03 9.78 -11.57
CA PRO A 33 -1.40 9.55 -11.08
C PRO A 33 -2.13 8.37 -11.73
N ASP A 34 -1.66 7.89 -12.87
CA ASP A 34 -2.30 6.73 -13.50
C ASP A 34 -1.82 5.40 -12.93
N GLY A 35 -0.93 5.44 -11.95
CA GLY A 35 -0.40 4.24 -11.33
C GLY A 35 0.92 3.77 -11.90
N THR A 36 1.40 4.44 -12.95
CA THR A 36 2.65 4.04 -13.57
C THR A 36 3.83 4.50 -12.72
N VAL A 37 4.79 3.60 -12.53
CA VAL A 37 5.96 3.87 -11.72
C VAL A 37 7.22 3.87 -12.59
N ASP A 38 8.00 4.93 -12.48
CA ASP A 38 9.29 4.95 -13.16
C ASP A 38 10.26 5.82 -12.37
N GLY A 39 11.39 6.12 -12.98
CA GLY A 39 12.32 7.05 -12.38
C GLY A 39 12.50 8.23 -13.29
N THR A 40 12.68 9.41 -12.72
CA THR A 40 12.98 10.60 -13.51
C THR A 40 14.18 11.33 -12.96
N ARG A 41 14.96 11.94 -13.85
CA ARG A 41 16.11 12.72 -13.43
C ARG A 41 15.70 14.13 -13.03
N ASP A 42 14.47 14.51 -13.39
CA ASP A 42 13.96 15.86 -13.17
C ASP A 42 13.41 16.09 -11.77
N ARG A 43 14.14 16.82 -10.94
CA ARG A 43 13.68 17.01 -9.56
C ARG A 43 12.59 18.08 -9.45
N SER A 44 12.17 18.66 -10.56
CA SER A 44 11.06 19.62 -10.53
C SER A 44 9.73 18.90 -10.77
N ASP A 45 9.79 17.58 -10.83
CA ASP A 45 8.60 16.79 -11.05
C ASP A 45 7.73 16.82 -9.81
N GLN A 46 6.41 16.82 -10.01
CA GLN A 46 5.47 16.97 -8.91
C GLN A 46 5.04 15.65 -8.30
N HIS A 47 5.61 14.55 -8.77
CA HIS A 47 5.18 13.23 -8.31
C HIS A 47 6.32 12.38 -7.74
N ILE A 48 7.33 13.05 -7.19
CA ILE A 48 8.50 12.35 -6.66
C ILE A 48 8.66 12.49 -5.15
N GLN A 49 7.62 12.97 -4.47
CA GLN A 49 7.67 13.11 -3.02
C GLN A 49 6.86 12.01 -2.35
N PHE A 50 7.41 11.43 -1.29
CA PHE A 50 6.79 10.27 -0.63
C PHE A 50 6.78 10.38 0.88
N GLN A 51 5.73 9.81 1.48
CA GLN A 51 5.68 9.61 2.91
C GLN A 51 5.98 8.14 3.18
N LEU A 52 6.95 7.88 4.04
CA LEU A 52 7.31 6.50 4.37
C LEU A 52 6.63 6.06 5.66
N SER A 53 5.31 5.92 5.60
CA SER A 53 4.51 5.60 6.75
C SER A 53 4.96 4.26 7.35
N ALA A 54 5.16 4.23 8.65
CA ALA A 54 5.62 3.00 9.31
C ALA A 54 4.46 2.07 9.66
N GLU A 55 4.65 0.77 9.44
CA GLU A 55 3.66 -0.21 9.86
C GLU A 55 4.09 -0.77 11.22
N SER A 56 5.40 -0.96 11.35
CA SER A 56 6.04 -1.46 12.55
C SER A 56 7.51 -1.13 12.38
N VAL A 57 8.32 -1.43 13.38
CA VAL A 57 9.75 -1.12 13.30
C VAL A 57 10.40 -1.74 12.07
N GLY A 58 11.01 -0.89 11.25
CA GLY A 58 11.74 -1.34 10.07
C GLY A 58 10.87 -1.63 8.85
N GLU A 59 9.56 -1.41 8.97
CA GLU A 59 8.63 -1.64 7.86
C GLU A 59 7.98 -0.32 7.43
N VAL A 60 7.91 -0.08 6.12
CA VAL A 60 7.30 1.15 5.63
C VAL A 60 6.41 0.92 4.43
N TYR A 61 5.43 1.79 4.27
CA TYR A 61 4.73 1.96 3.02
C TYR A 61 5.45 3.09 2.29
N ILE A 62 5.39 3.09 0.96
CA ILE A 62 5.94 4.20 0.20
C ILE A 62 4.75 4.88 -0.48
N LYS A 63 4.33 6.01 0.10
CA LYS A 63 3.05 6.63 -0.26
C LYS A 63 3.27 8.00 -0.90
N SER A 64 2.77 8.16 -2.12
CA SER A 64 2.90 9.43 -2.84
C SER A 64 2.24 10.58 -2.09
N THR A 65 2.98 11.64 -1.85
CA THR A 65 2.41 12.82 -1.20
C THR A 65 1.42 13.53 -2.12
N GLU A 66 1.69 13.47 -3.43
CA GLU A 66 0.86 14.19 -4.39
C GLU A 66 -0.47 13.50 -4.68
N THR A 67 -0.46 12.17 -4.75
CA THR A 67 -1.63 11.43 -5.24
C THR A 67 -2.21 10.48 -4.20
N GLY A 68 -1.46 10.21 -3.13
CA GLY A 68 -1.91 9.32 -2.10
C GLY A 68 -1.77 7.84 -2.44
N GLN A 69 -1.20 7.53 -3.61
CA GLN A 69 -1.04 6.13 -4.00
C GLN A 69 0.08 5.44 -3.25
N TYR A 70 -0.06 4.11 -3.14
CA TYR A 70 0.91 3.27 -2.45
C TYR A 70 1.75 2.52 -3.46
N LEU A 71 3.06 2.51 -3.28
CA LEU A 71 3.93 1.70 -4.13
C LEU A 71 3.73 0.22 -3.83
N ALA A 72 3.67 -0.60 -4.87
CA ALA A 72 3.48 -2.03 -4.72
C ALA A 72 4.33 -2.79 -5.73
N ILE A 73 4.72 -4.01 -5.39
CA ILE A 73 5.39 -4.88 -6.35
C ILE A 73 4.64 -6.21 -6.42
N ASP A 74 4.33 -6.68 -7.62
CA ASP A 74 3.66 -7.98 -7.78
C ASP A 74 4.61 -9.17 -7.88
N THR A 75 4.04 -10.37 -8.03
CA THR A 75 4.82 -11.59 -8.00
C THR A 75 5.85 -11.63 -9.13
N ASP A 76 5.53 -11.00 -10.26
CA ASP A 76 6.42 -10.97 -11.40
C ASP A 76 7.46 -9.87 -11.34
N GLY A 77 7.42 -9.05 -10.29
CA GLY A 77 8.34 -7.93 -10.16
C GLY A 77 7.87 -6.64 -10.80
N LEU A 78 6.64 -6.61 -11.29
CA LEU A 78 6.04 -5.38 -11.80
C LEU A 78 5.78 -4.40 -10.66
N VAL A 79 6.28 -3.18 -10.79
CA VAL A 79 6.11 -2.16 -9.76
C VAL A 79 5.03 -1.18 -10.21
N TYR A 80 4.06 -0.92 -9.35
CA TYR A 80 2.92 -0.12 -9.73
C TYR A 80 2.39 0.67 -8.55
N GLY A 81 1.49 1.62 -8.83
CA GLY A 81 0.87 2.43 -7.80
C GLY A 81 -0.56 1.98 -7.56
N SER A 82 -0.92 1.79 -6.29
CA SER A 82 -2.25 1.33 -5.91
C SER A 82 -2.96 2.41 -5.12
N GLN A 83 -4.27 2.54 -5.30
CA GLN A 83 -4.99 3.55 -4.55
C GLN A 83 -5.30 3.10 -3.13
N THR A 84 -5.15 1.81 -2.87
CA THR A 84 -5.29 1.28 -1.51
C THR A 84 -4.02 0.52 -1.16
N PRO A 85 -3.73 0.40 0.14
CA PRO A 85 -2.60 -0.43 0.55
C PRO A 85 -3.03 -1.87 0.49
N ASN A 86 -2.60 -2.56 -0.55
CA ASN A 86 -3.00 -3.93 -0.75
C ASN A 86 -2.00 -4.86 -0.14
N GLU A 87 -2.10 -6.13 -0.52
CA GLU A 87 -1.34 -7.17 0.12
C GLU A 87 0.14 -7.18 -0.26
N GLU A 88 0.56 -6.30 -1.16
CA GLU A 88 1.96 -6.22 -1.61
C GLU A 88 2.55 -4.80 -1.62
N CYS A 89 2.13 -3.98 -0.66
CA CYS A 89 2.55 -2.58 -0.56
CA CYS A 89 2.61 -2.59 -0.60
C CYS A 89 3.47 -2.31 0.62
N LEU A 90 3.84 -3.36 1.36
CA LEU A 90 4.64 -3.16 2.55
C LEU A 90 6.08 -3.57 2.27
N PHE A 91 7.02 -2.71 2.65
CA PHE A 91 8.44 -2.91 2.40
C PHE A 91 9.21 -2.96 3.70
N LEU A 92 10.31 -3.71 3.72
CA LEU A 92 11.26 -3.62 4.81
C LEU A 92 12.38 -2.68 4.37
N GLU A 93 12.60 -1.62 5.16
CA GLU A 93 13.61 -0.63 4.89
C GLU A 93 14.87 -1.01 5.65
N ARG A 94 16.00 -1.07 4.96
CA ARG A 94 17.25 -1.48 5.60
C ARG A 94 18.34 -0.45 5.28
N LEU A 95 19.00 0.05 6.31
CA LEU A 95 20.16 0.90 6.07
C LEU A 95 21.35 0.02 5.73
N GLU A 96 21.94 0.24 4.56
CA GLU A 96 23.08 -0.55 4.14
C GLU A 96 24.36 0.12 4.63
N GLU A 97 25.42 -0.67 4.76
CA GLU A 97 26.68 -0.16 5.31
C GLU A 97 27.30 0.93 4.43
N ASN A 98 26.68 1.16 3.28
CA ASN A 98 27.19 2.15 2.32
C ASN A 98 26.45 3.49 2.39
N HIS A 99 25.61 3.65 3.41
CA HIS A 99 24.88 4.89 3.65
C HIS A 99 23.56 4.97 2.89
N TYR A 100 23.33 4.04 1.98
CA TYR A 100 22.09 4.01 1.22
C TYR A 100 21.08 3.11 1.92
N ASN A 101 19.82 3.24 1.54
CA ASN A 101 18.77 2.34 2.00
C ASN A 101 18.31 1.41 0.90
N THR A 102 17.84 0.23 1.30
CA THR A 102 17.14 -0.67 0.39
C THR A 102 15.73 -0.90 0.89
N TYR A 103 14.85 -1.26 -0.04
CA TYR A 103 13.44 -1.52 0.24
C TYR A 103 13.06 -2.84 -0.39
N ILE A 104 12.75 -3.82 0.45
CA ILE A 104 12.39 -5.15 -0.05
C ILE A 104 10.92 -5.44 0.18
N SER A 105 10.27 -6.02 -0.82
CA SER A 105 8.88 -6.44 -0.73
C SER A 105 8.70 -7.51 0.34
N LYS A 106 7.90 -7.22 1.37
CA LYS A 106 7.65 -8.17 2.43
C LYS A 106 6.96 -9.43 1.91
N LYS A 107 6.06 -9.26 0.95
CA LYS A 107 5.32 -10.40 0.40
C LYS A 107 6.11 -11.26 -0.58
N HIS A 108 6.92 -10.63 -1.44
CA HIS A 108 7.55 -11.35 -2.54
C HIS A 108 9.06 -11.46 -2.46
N GLY A 109 9.71 -10.56 -1.73
CA GLY A 109 11.15 -10.59 -1.62
C GLY A 109 11.90 -9.86 -2.73
N TRP A 110 11.19 -9.23 -3.66
CA TRP A 110 11.82 -8.32 -4.63
C TRP A 110 12.36 -7.06 -3.96
N TYR A 111 13.57 -6.66 -4.30
CA TYR A 111 14.02 -5.32 -3.95
C TYR A 111 13.49 -4.30 -4.96
N LEU A 112 13.07 -3.14 -4.47
CA LEU A 112 12.78 -2.02 -5.35
C LEU A 112 14.07 -1.60 -6.05
N GLY A 113 14.04 -1.45 -7.38
CA GLY A 113 15.20 -0.97 -8.12
C GLY A 113 14.84 -0.06 -9.27
N ILE A 114 15.67 0.95 -9.53
CA ILE A 114 15.52 1.74 -10.74
C ILE A 114 16.71 1.49 -11.64
N LYS A 115 16.44 1.00 -12.84
CA LYS A 115 17.48 0.68 -13.80
C LYS A 115 18.09 1.96 -14.39
N LYS A 116 19.21 1.84 -15.09
CA LYS A 116 19.87 3.02 -15.63
C LYS A 116 19.03 3.77 -16.67
N ASN A 117 18.09 3.10 -17.31
CA ASN A 117 17.17 3.75 -18.26
C ASN A 117 15.94 4.33 -17.59
N GLY A 118 15.88 4.27 -16.25
CA GLY A 118 14.78 4.87 -15.52
C GLY A 118 13.55 4.00 -15.33
N SER A 119 13.57 2.78 -15.87
CA SER A 119 12.49 1.84 -15.60
C SER A 119 12.65 1.29 -14.18
N VAL A 120 11.54 0.90 -13.58
CA VAL A 120 11.54 0.45 -12.20
C VAL A 120 10.97 -0.94 -12.14
N LYS A 121 11.70 -1.86 -11.52
CA LYS A 121 11.18 -3.21 -11.37
C LYS A 121 11.86 -3.98 -10.24
N GLY A 122 11.21 -5.07 -9.85
CA GLY A 122 11.74 -5.94 -8.81
C GLY A 122 13.11 -6.46 -9.18
N THR A 123 14.03 -6.36 -8.22
CA THR A 123 15.44 -6.58 -8.45
C THR A 123 16.01 -7.47 -7.35
N HIS A 124 17.05 -8.23 -7.67
CA HIS A 124 17.75 -9.01 -6.65
C HIS A 124 18.88 -8.22 -6.00
N TYR A 125 19.23 -8.62 -4.78
CA TYR A 125 20.34 -8.02 -4.08
C TYR A 125 21.61 -8.11 -4.90
N GLY A 126 22.44 -7.07 -4.80
CA GLY A 126 23.75 -7.09 -5.40
C GLY A 126 23.85 -6.18 -6.61
N GLN A 127 22.71 -5.64 -7.02
CA GLN A 127 22.68 -4.72 -8.16
C GLN A 127 22.59 -3.28 -7.68
N LYS A 128 23.27 -2.38 -8.38
CA LYS A 128 23.29 -0.98 -7.97
C LYS A 128 21.91 -0.34 -7.98
N ALA A 129 21.00 -0.92 -8.76
CA ALA A 129 19.65 -0.39 -8.91
C ALA A 129 18.87 -0.29 -7.60
N ILE A 130 19.30 -1.02 -6.57
CA ILE A 130 18.49 -1.14 -5.35
C ILE A 130 18.86 -0.10 -4.29
N LEU A 131 19.86 0.72 -4.56
CA LEU A 131 20.32 1.67 -3.54
C LEU A 131 19.66 3.03 -3.65
N PHE A 132 19.01 3.46 -2.57
CA PHE A 132 18.30 4.73 -2.53
C PHE A 132 18.78 5.63 -1.41
N LEU A 133 18.81 6.92 -1.69
CA LEU A 133 19.06 7.92 -0.66
C LEU A 133 17.76 8.68 -0.41
N PRO A 134 17.17 8.48 0.77
CA PRO A 134 15.99 9.28 1.09
C PRO A 134 16.43 10.71 1.44
N LEU A 135 15.74 11.68 0.86
CA LEU A 135 16.11 13.08 1.02
C LEU A 135 14.90 13.86 1.53
N PRO A 136 14.89 14.16 2.83
CA PRO A 136 13.79 14.92 3.40
C PRO A 136 13.66 16.27 2.72
N VAL A 137 12.44 16.65 2.39
CA VAL A 137 12.16 17.93 1.74
C VAL A 137 12.08 19.07 2.73
N SER A 138 12.71 20.20 2.39
CA SER A 138 12.70 21.41 3.22
C SER A 138 13.52 21.24 4.50
N LYS B 16 -3.30 5.96 -26.87
CA LYS B 16 -3.91 7.10 -27.56
C LYS B 16 -4.87 7.89 -26.66
N PRO B 17 -5.78 7.18 -25.95
CA PRO B 17 -6.69 7.86 -25.03
C PRO B 17 -5.89 8.41 -23.86
N LYS B 18 -6.41 9.45 -23.21
CA LYS B 18 -5.72 10.06 -22.08
C LYS B 18 -6.64 10.19 -20.88
N LEU B 19 -6.10 9.99 -19.69
CA LEU B 19 -6.77 10.46 -18.48
C LEU B 19 -6.43 11.93 -18.33
N LEU B 20 -7.35 12.69 -17.76
CA LEU B 20 -7.08 14.09 -17.47
C LEU B 20 -7.16 14.30 -15.96
N TYR B 21 -6.00 14.31 -15.32
CA TYR B 21 -5.91 14.35 -13.86
C TYR B 21 -5.77 15.79 -13.41
N CYS B 22 -6.69 16.24 -12.56
CA CYS B 22 -6.65 17.58 -12.00
C CYS B 22 -5.87 17.57 -10.69
N SER B 23 -4.77 18.33 -10.67
CA SER B 23 -3.87 18.32 -9.53
C SER B 23 -4.42 19.05 -8.32
N ASN B 24 -5.55 19.75 -8.48
CA ASN B 24 -6.15 20.48 -7.37
C ASN B 24 -6.60 19.56 -6.24
N GLY B 25 -7.57 18.70 -6.52
CA GLY B 25 -8.06 17.73 -5.54
C GLY B 25 -7.71 16.30 -5.92
N GLY B 26 -6.93 16.13 -6.99
CA GLY B 26 -6.54 14.81 -7.45
C GLY B 26 -7.67 14.03 -8.10
N HIS B 27 -8.49 14.73 -8.88
CA HIS B 27 -9.64 14.12 -9.53
C HIS B 27 -9.38 13.88 -11.00
N PHE B 28 -9.83 12.74 -11.51
CA PHE B 28 -9.86 12.52 -12.94
C PHE B 28 -11.19 13.07 -13.47
N LEU B 29 -11.09 13.81 -14.57
CA LEU B 29 -12.26 14.34 -15.25
C LEU B 29 -13.12 13.16 -15.68
N ARG B 30 -14.43 13.29 -15.51
CA ARG B 30 -15.35 12.20 -15.83
C ARG B 30 -16.58 12.75 -16.53
N ILE B 31 -16.98 12.10 -17.62
CA ILE B 31 -18.27 12.40 -18.23
C ILE B 31 -19.10 11.12 -18.20
N LEU B 32 -20.15 11.12 -17.39
CA LEU B 32 -21.02 9.95 -17.33
C LEU B 32 -21.91 9.92 -18.57
N PRO B 33 -22.46 8.75 -18.91
CA PRO B 33 -23.26 8.64 -20.13
C PRO B 33 -24.49 9.53 -20.15
N ASP B 34 -24.97 9.97 -18.99
CA ASP B 34 -26.12 10.86 -18.96
C ASP B 34 -25.75 12.31 -19.24
N GLY B 35 -24.47 12.56 -19.50
CA GLY B 35 -23.99 13.89 -19.82
C GLY B 35 -23.49 14.70 -18.64
N THR B 36 -23.60 14.13 -17.43
CA THR B 36 -23.12 14.85 -16.26
C THR B 36 -21.60 14.76 -16.14
N VAL B 37 -20.99 15.89 -15.82
CA VAL B 37 -19.54 15.98 -15.74
C VAL B 37 -19.14 16.25 -14.29
N ASP B 38 -18.18 15.48 -13.80
CA ASP B 38 -17.62 15.73 -12.48
C ASP B 38 -16.20 15.21 -12.40
N GLY B 39 -15.64 15.22 -11.21
CA GLY B 39 -14.31 14.66 -11.00
C GLY B 39 -14.43 13.47 -10.08
N THR B 40 -13.63 12.44 -10.33
CA THR B 40 -13.58 11.29 -9.44
C THR B 40 -12.14 10.98 -9.07
N ARG B 41 -11.92 10.60 -7.81
CA ARG B 41 -10.58 10.15 -7.43
C ARG B 41 -10.35 8.70 -7.80
N ASP B 42 -11.40 8.01 -8.21
CA ASP B 42 -11.32 6.57 -8.47
C ASP B 42 -10.93 6.28 -9.90
N ARG B 43 -9.68 5.90 -10.12
CA ARG B 43 -9.26 5.70 -11.49
C ARG B 43 -9.66 4.35 -12.08
N SER B 44 -10.45 3.58 -11.35
CA SER B 44 -11.02 2.35 -11.90
C SER B 44 -12.32 2.66 -12.63
N ASP B 45 -12.71 3.92 -12.62
CA ASP B 45 -13.93 4.35 -13.29
C ASP B 45 -13.82 4.14 -14.79
N GLN B 46 -14.95 3.77 -15.41
CA GLN B 46 -14.96 3.47 -16.84
C GLN B 46 -15.19 4.69 -17.74
N HIS B 47 -15.32 5.87 -17.14
CA HIS B 47 -15.71 7.06 -17.90
C HIS B 47 -14.73 8.21 -17.77
N ILE B 48 -13.46 7.88 -17.57
CA ILE B 48 -12.44 8.91 -17.39
C ILE B 48 -11.37 8.92 -18.50
N GLN B 49 -11.60 8.18 -19.57
CA GLN B 49 -10.67 8.22 -20.71
C GLN B 49 -11.18 9.13 -21.83
N PHE B 50 -10.27 9.91 -22.42
CA PHE B 50 -10.64 10.88 -23.43
C PHE B 50 -9.73 10.86 -24.63
N GLN B 51 -10.29 11.16 -25.79
CA GLN B 51 -9.48 11.44 -26.95
C GLN B 51 -9.50 12.95 -27.17
N LEU B 52 -8.32 13.54 -27.26
CA LEU B 52 -8.22 14.97 -27.50
C LEU B 52 -8.04 15.25 -28.98
N SER B 53 -9.14 15.14 -29.74
CA SER B 53 -9.10 15.31 -31.19
C SER B 53 -8.75 16.74 -31.54
N ALA B 54 -7.79 16.94 -32.43
CA ALA B 54 -7.38 18.29 -32.84
C ALA B 54 -8.29 18.91 -33.90
N GLU B 55 -8.63 20.18 -33.72
CA GLU B 55 -9.32 20.93 -34.75
C GLU B 55 -8.31 21.66 -35.62
N SER B 56 -7.35 22.28 -34.95
CA SER B 56 -6.23 22.98 -35.58
C SER B 56 -5.14 23.03 -34.53
N VAL B 57 -3.97 23.58 -34.88
CA VAL B 57 -2.85 23.58 -33.96
C VAL B 57 -3.21 24.31 -32.67
N GLY B 58 -3.11 23.59 -31.55
CA GLY B 58 -3.39 24.19 -30.25
C GLY B 58 -4.84 24.09 -29.81
N GLU B 59 -5.71 23.57 -30.68
CA GLU B 59 -7.13 23.44 -30.36
C GLU B 59 -7.55 21.98 -30.28
N VAL B 60 -8.32 21.65 -29.25
CA VAL B 60 -8.76 20.26 -29.09
C VAL B 60 -10.23 20.15 -28.68
N TYR B 61 -10.85 19.05 -29.06
CA TYR B 61 -12.07 18.61 -28.41
C TYR B 61 -11.69 17.64 -27.31
N ILE B 62 -12.55 17.52 -26.30
CA ILE B 62 -12.30 16.54 -25.26
C ILE B 62 -13.44 15.55 -25.35
N LYS B 63 -13.15 14.40 -25.96
CA LYS B 63 -14.18 13.45 -26.35
C LYS B 63 -14.05 12.15 -25.56
N SER B 64 -15.14 11.73 -24.92
CA SER B 64 -15.13 10.53 -24.10
C SER B 64 -14.89 9.30 -24.96
N THR B 65 -13.90 8.49 -24.59
CA THR B 65 -13.63 7.30 -25.37
C THR B 65 -14.74 6.28 -25.19
N GLU B 66 -15.34 6.30 -24.00
CA GLU B 66 -16.35 5.31 -23.66
C GLU B 66 -17.71 5.62 -24.29
N THR B 67 -18.12 6.89 -24.27
CA THR B 67 -19.47 7.24 -24.69
C THR B 67 -19.51 8.07 -25.96
N GLY B 68 -18.35 8.58 -26.37
CA GLY B 68 -18.29 9.45 -27.53
C GLY B 68 -18.79 10.87 -27.31
N GLN B 69 -19.16 11.22 -26.08
CA GLN B 69 -19.62 12.58 -25.79
C GLN B 69 -18.50 13.60 -25.82
N TYR B 70 -18.88 14.83 -26.14
CA TYR B 70 -17.95 15.95 -26.21
C TYR B 70 -18.11 16.84 -24.98
N LEU B 71 -17.01 17.16 -24.32
CA LEU B 71 -17.04 18.11 -23.23
C LEU B 71 -17.39 19.52 -23.75
N ALA B 72 -18.28 20.20 -23.06
CA ALA B 72 -18.66 21.56 -23.42
C ALA B 72 -18.82 22.43 -22.19
N ILE B 73 -18.65 23.75 -22.36
CA ILE B 73 -18.93 24.70 -21.29
C ILE B 73 -19.87 25.76 -21.82
N ASP B 74 -20.97 26.00 -21.12
CA ASP B 74 -21.89 27.04 -21.57
C ASP B 74 -21.52 28.44 -21.07
N THR B 75 -22.34 29.41 -21.45
CA THR B 75 -22.08 30.80 -21.13
C THR B 75 -21.98 31.04 -19.61
N ASP B 76 -22.73 30.30 -18.83
CA ASP B 76 -22.72 30.48 -17.38
C ASP B 76 -21.60 29.70 -16.69
N GLY B 77 -20.84 28.94 -17.47
CA GLY B 77 -19.74 28.15 -16.91
C GLY B 77 -20.16 26.74 -16.52
N LEU B 78 -21.38 26.35 -16.89
CA LEU B 78 -21.83 24.99 -16.66
C LEU B 78 -21.11 24.05 -17.63
N VAL B 79 -20.52 22.99 -17.09
CA VAL B 79 -19.79 22.02 -17.90
C VAL B 79 -20.64 20.77 -18.08
N TYR B 80 -20.76 20.31 -19.33
CA TYR B 80 -21.65 19.20 -19.64
C TYR B 80 -21.12 18.38 -20.80
N GLY B 81 -21.70 17.20 -20.99
CA GLY B 81 -21.34 16.34 -22.11
C GLY B 81 -22.40 16.48 -23.19
N SER B 82 -21.96 16.67 -24.42
CA SER B 82 -22.86 16.79 -25.57
C SER B 82 -22.68 15.63 -26.52
N GLN B 83 -23.75 15.16 -27.13
CA GLN B 83 -23.62 14.03 -28.05
C GLN B 83 -23.08 14.46 -29.43
N THR B 84 -23.14 15.75 -29.72
CA THR B 84 -22.54 16.30 -30.94
C THR B 84 -21.58 17.42 -30.57
N PRO B 85 -20.59 17.68 -31.44
CA PRO B 85 -19.69 18.81 -31.19
C PRO B 85 -20.43 20.09 -31.52
N ASN B 86 -20.84 20.83 -30.51
CA ASN B 86 -21.52 22.10 -30.76
C ASN B 86 -20.54 23.27 -30.73
N GLU B 87 -21.08 24.48 -30.72
CA GLU B 87 -20.25 25.66 -30.79
C GLU B 87 -19.37 25.85 -29.54
N GLU B 88 -19.72 25.19 -28.45
CA GLU B 88 -18.98 25.40 -27.21
C GLU B 88 -18.18 24.18 -26.74
N CYS B 89 -17.78 23.33 -27.67
CA CYS B 89 -17.01 22.12 -27.36
CA CYS B 89 -17.00 22.15 -27.30
C CYS B 89 -15.54 22.22 -27.74
N LEU B 90 -15.12 23.36 -28.28
CA LEU B 90 -13.73 23.49 -28.70
C LEU B 90 -12.89 24.21 -27.64
N PHE B 91 -11.71 23.67 -27.34
CA PHE B 91 -10.87 24.20 -26.26
C PHE B 91 -9.51 24.55 -26.83
N LEU B 92 -8.86 25.58 -26.28
CA LEU B 92 -7.45 25.81 -26.60
C LEU B 92 -6.64 25.15 -25.48
N GLU B 93 -5.73 24.25 -25.88
CA GLU B 93 -4.90 23.51 -24.93
C GLU B 93 -3.56 24.22 -24.80
N ARG B 94 -3.17 24.54 -23.58
CA ARG B 94 -1.93 25.28 -23.37
C ARG B 94 -1.02 24.56 -22.39
N LEU B 95 0.23 24.37 -22.77
CA LEU B 95 1.21 23.79 -21.85
C LEU B 95 1.78 24.88 -20.96
N GLU B 96 1.50 24.78 -19.67
CA GLU B 96 1.93 25.79 -18.73
C GLU B 96 3.36 25.50 -18.26
N GLU B 97 4.06 26.56 -17.85
CA GLU B 97 5.46 26.45 -17.48
C GLU B 97 5.69 25.45 -16.35
N ASN B 98 4.61 25.09 -15.65
CA ASN B 98 4.70 24.18 -14.53
C ASN B 98 4.47 22.70 -14.87
N HIS B 99 4.42 22.37 -16.16
CA HIS B 99 4.30 20.99 -16.63
C HIS B 99 2.84 20.51 -16.79
N TYR B 100 1.91 21.31 -16.30
CA TYR B 100 0.50 20.98 -16.43
C TYR B 100 -0.07 21.62 -17.69
N ASN B 101 -1.25 21.17 -18.12
CA ASN B 101 -1.98 21.82 -19.20
C ASN B 101 -3.22 22.51 -18.69
N THR B 102 -3.63 23.55 -19.41
CA THR B 102 -4.95 24.15 -19.20
C THR B 102 -5.77 24.06 -20.47
N TYR B 103 -7.08 24.15 -20.29
CA TYR B 103 -8.04 24.04 -21.37
C TYR B 103 -9.03 25.18 -21.24
N ILE B 104 -8.99 26.10 -22.21
CA ILE B 104 -9.89 27.24 -22.19
C ILE B 104 -10.94 27.13 -23.30
N SER B 105 -12.18 27.44 -22.95
CA SER B 105 -13.29 27.49 -23.90
C SER B 105 -13.04 28.56 -24.98
N LYS B 106 -12.95 28.13 -26.23
CA LYS B 106 -12.74 29.07 -27.31
C LYS B 106 -13.91 30.04 -27.46
N LYS B 107 -15.13 29.55 -27.20
CA LYS B 107 -16.31 30.38 -27.35
C LYS B 107 -16.52 31.37 -26.20
N HIS B 108 -16.31 30.91 -24.97
CA HIS B 108 -16.68 31.71 -23.80
C HIS B 108 -15.51 32.20 -22.95
N GLY B 109 -14.36 31.55 -23.08
CA GLY B 109 -13.20 31.94 -22.31
C GLY B 109 -13.09 31.38 -20.90
N TRP B 110 -14.02 30.51 -20.51
CA TRP B 110 -13.92 29.79 -19.25
C TRP B 110 -12.77 28.78 -19.29
N TYR B 111 -11.94 28.73 -18.25
CA TYR B 111 -11.04 27.61 -18.08
C TYR B 111 -11.78 26.42 -17.46
N LEU B 112 -11.52 25.23 -17.97
CA LEU B 112 -12.03 24.01 -17.34
C LEU B 112 -11.35 23.84 -15.98
N GLY B 113 -12.13 23.63 -14.92
CA GLY B 113 -11.53 23.37 -13.63
C GLY B 113 -12.28 22.33 -12.80
N ILE B 114 -11.55 21.65 -11.91
CA ILE B 114 -12.20 20.77 -10.94
C ILE B 114 -11.86 21.22 -9.52
N LYS B 115 -12.91 21.53 -8.76
CA LYS B 115 -12.74 21.99 -7.39
C LYS B 115 -12.34 20.82 -6.49
N LYS B 116 -11.87 21.11 -5.29
CA LYS B 116 -11.41 20.04 -4.40
C LYS B 116 -12.54 19.08 -3.98
N ASN B 117 -13.78 19.51 -4.14
CA ASN B 117 -14.91 18.64 -3.83
C ASN B 117 -15.38 17.82 -5.04
N GLY B 118 -14.64 17.90 -6.13
CA GLY B 118 -14.95 17.13 -7.32
C GLY B 118 -15.92 17.78 -8.30
N SER B 119 -16.44 18.96 -7.96
CA SER B 119 -17.35 19.65 -8.88
CA SER B 119 -17.34 19.65 -8.87
C SER B 119 -16.55 20.31 -9.99
N VAL B 120 -17.08 20.23 -11.20
CA VAL B 120 -16.39 20.74 -12.37
C VAL B 120 -17.15 21.95 -12.88
N LYS B 121 -16.45 23.06 -13.12
CA LYS B 121 -17.11 24.28 -13.54
C LYS B 121 -16.13 25.15 -14.30
N GLY B 122 -16.66 26.03 -15.13
CA GLY B 122 -15.82 27.02 -15.78
C GLY B 122 -15.24 27.96 -14.75
N THR B 123 -13.97 28.27 -14.87
CA THR B 123 -13.34 29.17 -13.92
C THR B 123 -12.29 30.05 -14.57
N HIS B 124 -11.51 30.74 -13.75
CA HIS B 124 -10.54 31.71 -14.26
C HIS B 124 -9.10 31.30 -13.97
N TYR B 125 -8.18 31.89 -14.73
CA TYR B 125 -6.77 31.63 -14.54
C TYR B 125 -6.35 32.08 -13.15
N GLY B 126 -5.36 31.40 -12.57
CA GLY B 126 -4.84 31.76 -11.28
C GLY B 126 -5.32 30.81 -10.19
N GLN B 127 -6.26 29.94 -10.56
CA GLN B 127 -6.80 28.97 -9.61
C GLN B 127 -6.22 27.59 -9.90
N LYS B 128 -5.85 26.85 -8.85
CA LYS B 128 -5.22 25.54 -8.98
C LYS B 128 -6.16 24.55 -9.68
N ALA B 129 -7.45 24.84 -9.64
CA ALA B 129 -8.47 23.98 -10.24
C ALA B 129 -8.26 23.74 -11.73
N ILE B 130 -7.53 24.64 -12.39
CA ILE B 130 -7.44 24.56 -13.85
C ILE B 130 -6.25 23.75 -14.37
N LEU B 131 -5.43 23.23 -13.47
CA LEU B 131 -4.22 22.53 -13.90
C LEU B 131 -4.44 21.03 -14.06
N PHE B 132 -4.28 20.55 -15.30
CA PHE B 132 -4.46 19.14 -15.62
C PHE B 132 -3.18 18.47 -16.09
N LEU B 133 -3.04 17.20 -15.75
CA LEU B 133 -1.96 16.39 -16.27
C LEU B 133 -2.57 15.32 -17.19
N PRO B 134 -2.33 15.43 -18.49
CA PRO B 134 -2.80 14.41 -19.42
C PRO B 134 -1.93 13.17 -19.30
N LEU B 135 -2.57 12.01 -19.17
CA LEU B 135 -1.86 10.77 -18.96
C LEU B 135 -2.28 9.75 -20.01
N PRO B 136 -1.43 9.55 -21.02
CA PRO B 136 -1.71 8.55 -22.06
C PRO B 136 -1.88 7.18 -21.46
N VAL B 137 -2.93 6.48 -21.88
CA VAL B 137 -3.23 5.16 -21.34
C VAL B 137 -2.39 4.09 -22.03
N TYR C 14 -28.23 0.09 9.97
CA TYR C 14 -27.56 1.01 10.87
C TYR C 14 -28.49 1.52 11.96
N LYS C 15 -29.66 0.89 12.08
CA LYS C 15 -30.66 1.26 13.07
C LYS C 15 -30.10 1.23 14.49
N LYS C 16 -29.50 0.10 14.86
CA LYS C 16 -29.03 -0.10 16.23
C LYS C 16 -27.53 0.12 16.32
N PRO C 17 -27.05 0.53 17.51
CA PRO C 17 -25.61 0.59 17.76
C PRO C 17 -24.99 -0.80 17.67
N LYS C 18 -23.69 -0.84 17.39
CA LYS C 18 -22.97 -2.09 17.26
C LYS C 18 -21.63 -2.03 17.98
N LEU C 19 -21.17 -3.21 18.39
CA LEU C 19 -19.77 -3.42 18.76
C LEU C 19 -19.04 -3.77 17.48
N LEU C 20 -17.81 -3.30 17.34
CA LEU C 20 -17.00 -3.67 16.18
C LEU C 20 -15.92 -4.65 16.59
N TYR C 21 -16.24 -5.93 16.45
CA TYR C 21 -15.37 -7.03 16.86
C TYR C 21 -14.41 -7.38 15.75
N CYS C 22 -13.12 -7.42 16.06
CA CYS C 22 -12.08 -7.77 15.10
C CYS C 22 -11.74 -9.23 15.23
N SER C 23 -11.82 -9.97 14.13
CA SER C 23 -11.59 -11.41 14.20
C SER C 23 -10.12 -11.79 14.39
N ASN C 24 -9.21 -10.84 14.21
CA ASN C 24 -7.78 -11.10 14.39
C ASN C 24 -7.46 -11.57 15.82
N GLY C 25 -7.76 -10.72 16.80
CA GLY C 25 -7.47 -11.03 18.18
C GLY C 25 -8.71 -11.09 19.07
N GLY C 26 -9.87 -10.81 18.49
CA GLY C 26 -11.10 -10.84 19.25
C GLY C 26 -11.39 -9.53 19.98
N HIS C 27 -10.67 -8.48 19.62
CA HIS C 27 -10.85 -7.19 20.28
C HIS C 27 -12.05 -6.45 19.77
N PHE C 28 -12.69 -5.70 20.67
CA PHE C 28 -13.68 -4.70 20.27
C PHE C 28 -12.97 -3.38 20.04
N LEU C 29 -13.30 -2.67 18.95
CA LEU C 29 -12.78 -1.34 18.73
C LEU C 29 -13.19 -0.42 19.88
N ARG C 30 -12.29 0.48 20.26
CA ARG C 30 -12.55 1.39 21.38
C ARG C 30 -12.00 2.78 21.09
N ILE C 31 -12.84 3.81 21.25
CA ILE C 31 -12.35 5.19 21.21
C ILE C 31 -12.39 5.75 22.62
N LEU C 32 -11.20 5.95 23.19
CA LEU C 32 -11.11 6.46 24.56
C LEU C 32 -11.48 7.93 24.60
N PRO C 33 -11.84 8.43 25.79
CA PRO C 33 -12.24 9.83 25.92
C PRO C 33 -11.20 10.81 25.40
N ASP C 34 -9.91 10.48 25.51
CA ASP C 34 -8.85 11.39 25.06
C ASP C 34 -8.59 11.38 23.55
N GLY C 35 -9.36 10.58 22.83
CA GLY C 35 -9.24 10.52 21.38
C GLY C 35 -8.34 9.40 20.88
N THR C 36 -7.69 8.70 21.79
CA THR C 36 -6.88 7.57 21.35
C THR C 36 -7.78 6.38 21.05
N VAL C 37 -7.31 5.52 20.16
CA VAL C 37 -8.09 4.39 19.67
C VAL C 37 -7.27 3.12 19.84
N ASP C 38 -7.90 2.12 20.44
CA ASP C 38 -7.28 0.82 20.59
C ASP C 38 -8.34 -0.26 20.56
N GLY C 39 -7.95 -1.48 20.93
CA GLY C 39 -8.90 -2.56 21.03
C GLY C 39 -8.87 -3.14 22.43
N THR C 40 -10.02 -3.60 22.90
CA THR C 40 -10.12 -4.27 24.17
C THR C 40 -11.09 -5.44 24.13
N ARG C 41 -10.84 -6.45 24.95
CA ARG C 41 -11.79 -7.54 25.06
C ARG C 41 -12.72 -7.35 26.25
N ASP C 42 -12.59 -6.23 26.95
CA ASP C 42 -13.46 -5.93 28.08
C ASP C 42 -14.86 -5.52 27.62
N ARG C 43 -15.79 -6.44 27.73
CA ARG C 43 -17.15 -6.24 27.23
C ARG C 43 -17.87 -5.12 27.99
N SER C 44 -17.43 -4.85 29.20
CA SER C 44 -18.10 -3.88 30.07
C SER C 44 -17.59 -2.46 29.83
N ASP C 45 -16.63 -2.32 28.92
CA ASP C 45 -16.08 -1.01 28.60
C ASP C 45 -17.19 -0.14 28.01
N GLN C 46 -17.20 1.14 28.37
CA GLN C 46 -18.25 2.05 27.90
C GLN C 46 -17.97 2.63 26.53
N HIS C 47 -16.76 2.40 26.03
CA HIS C 47 -16.29 3.13 24.85
C HIS C 47 -16.16 2.28 23.60
N ILE C 48 -16.91 1.18 23.58
CA ILE C 48 -16.86 0.20 22.50
C ILE C 48 -18.16 0.10 21.69
N GLN C 49 -19.11 0.99 21.97
CA GLN C 49 -20.40 0.97 21.29
C GLN C 49 -20.48 2.09 20.25
N PHE C 50 -20.81 1.73 19.02
CA PHE C 50 -20.78 2.68 17.91
C PHE C 50 -22.10 2.78 17.16
N GLN C 51 -22.44 4.00 16.76
CA GLN C 51 -23.55 4.20 15.85
C GLN C 51 -22.96 4.39 14.46
N LEU C 52 -23.31 3.51 13.54
CA LEU C 52 -22.92 3.71 12.16
C LEU C 52 -24.05 4.40 11.43
N SER C 53 -23.69 5.33 10.56
CA SER C 53 -24.69 6.07 9.80
C SER C 53 -24.19 6.16 8.36
N ALA C 54 -25.11 6.04 7.42
CA ALA C 54 -24.74 6.06 6.01
C ALA C 54 -24.88 7.46 5.44
N GLU C 55 -23.84 7.93 4.76
CA GLU C 55 -23.93 9.16 3.99
C GLU C 55 -24.46 8.79 2.62
N SER C 56 -23.58 8.23 1.80
CA SER C 56 -23.99 7.64 0.53
C SER C 56 -24.07 6.13 0.73
N VAL C 57 -24.58 5.41 -0.26
CA VAL C 57 -24.64 3.96 -0.15
C VAL C 57 -23.21 3.42 -0.09
N GLY C 58 -22.98 2.51 0.84
CA GLY C 58 -21.67 1.89 0.96
C GLY C 58 -20.66 2.74 1.72
N GLU C 59 -21.10 3.93 2.15
CA GLU C 59 -20.25 4.84 2.93
C GLU C 59 -20.84 5.06 4.33
N VAL C 60 -20.00 5.07 5.35
CA VAL C 60 -20.47 5.22 6.71
C VAL C 60 -19.56 6.08 7.57
N TYR C 61 -20.17 6.73 8.56
CA TYR C 61 -19.47 7.32 9.69
C TYR C 61 -19.59 6.35 10.87
N ILE C 62 -18.55 6.30 11.70
CA ILE C 62 -18.52 5.41 12.85
C ILE C 62 -18.38 6.27 14.10
N LYS C 63 -19.44 6.35 14.89
CA LYS C 63 -19.48 7.32 15.97
C LYS C 63 -19.69 6.68 17.33
N SER C 64 -18.78 6.97 18.27
CA SER C 64 -18.94 6.46 19.62
C SER C 64 -20.23 6.96 20.26
N THR C 65 -21.07 6.05 20.74
CA THR C 65 -22.32 6.48 21.39
C THR C 65 -22.03 7.15 22.73
N GLU C 66 -20.96 6.75 23.38
CA GLU C 66 -20.66 7.25 24.73
C GLU C 66 -20.09 8.66 24.71
N THR C 67 -19.22 8.96 23.76
CA THR C 67 -18.55 10.26 23.74
C THR C 67 -18.83 11.12 22.51
N GLY C 68 -19.52 10.56 21.52
CA GLY C 68 -19.84 11.31 20.31
C GLY C 68 -18.68 11.50 19.35
N GLN C 69 -17.54 10.89 19.65
CA GLN C 69 -16.39 11.00 18.77
C GLN C 69 -16.54 10.15 17.51
N TYR C 70 -16.12 10.72 16.37
CA TYR C 70 -16.06 10.00 15.12
C TYR C 70 -14.72 9.32 14.95
N LEU C 71 -14.75 8.09 14.44
CA LEU C 71 -13.51 7.42 14.06
C LEU C 71 -12.93 8.08 12.81
N ALA C 72 -11.62 8.23 12.80
CA ALA C 72 -10.93 8.85 11.67
C ALA C 72 -9.55 8.23 11.48
N ILE C 73 -9.04 8.30 10.25
CA ILE C 73 -7.66 7.87 9.98
C ILE C 73 -6.97 8.99 9.20
N ASP C 74 -5.76 9.35 9.64
CA ASP C 74 -5.02 10.40 8.96
C ASP C 74 -4.17 9.85 7.83
N THR C 75 -3.45 10.73 7.15
CA THR C 75 -2.74 10.34 5.93
C THR C 75 -1.67 9.29 6.21
N ASP C 76 -1.14 9.29 7.43
CA ASP C 76 -0.05 8.40 7.81
C ASP C 76 -0.55 7.09 8.41
N GLY C 77 -1.87 6.90 8.44
CA GLY C 77 -2.46 5.72 9.05
C GLY C 77 -2.75 5.76 10.55
N LEU C 78 -2.59 6.92 11.17
CA LEU C 78 -2.93 7.08 12.57
C LEU C 78 -4.44 7.13 12.73
N VAL C 79 -4.98 6.25 13.57
CA VAL C 79 -6.41 6.21 13.84
C VAL C 79 -6.71 7.02 15.09
N TYR C 80 -7.68 7.93 14.98
CA TYR C 80 -7.98 8.83 16.09
C TYR C 80 -9.47 9.08 16.22
N GLY C 81 -9.86 9.62 17.37
CA GLY C 81 -11.24 10.02 17.57
C GLY C 81 -11.37 11.50 17.33
N SER C 82 -12.44 11.90 16.67
CA SER C 82 -12.64 13.31 16.34
C SER C 82 -13.99 13.83 16.81
N GLN C 83 -13.97 14.96 17.51
CA GLN C 83 -15.21 15.62 17.91
C GLN C 83 -15.91 16.12 16.65
N THR C 84 -15.13 16.59 15.69
CA THR C 84 -15.67 17.17 14.47
C THR C 84 -15.67 16.13 13.35
N PRO C 85 -16.84 15.85 12.78
CA PRO C 85 -16.81 14.96 11.61
C PRO C 85 -16.10 15.69 10.49
N ASN C 86 -15.20 14.99 9.83
CA ASN C 86 -14.43 15.60 8.74
C ASN C 86 -14.24 14.56 7.65
N GLU C 87 -13.57 14.95 6.59
CA GLU C 87 -13.36 14.08 5.44
C GLU C 87 -12.64 12.77 5.82
N GLU C 88 -11.87 12.80 6.90
CA GLU C 88 -11.11 11.62 7.32
C GLU C 88 -11.97 10.66 8.13
N CYS C 89 -13.22 11.06 8.37
CA CYS C 89 -14.15 10.25 9.14
C CYS C 89 -15.05 9.37 8.27
N LEU C 90 -14.92 9.48 6.96
CA LEU C 90 -15.80 8.72 6.07
C LEU C 90 -15.16 7.42 5.65
N PHE C 91 -15.86 6.31 5.88
CA PHE C 91 -15.35 4.99 5.56
C PHE C 91 -16.20 4.33 4.48
N LEU C 92 -15.53 3.59 3.60
CA LEU C 92 -16.24 2.70 2.70
C LEU C 92 -16.44 1.39 3.48
N GLU C 93 -17.69 0.95 3.58
CA GLU C 93 -17.96 -0.32 4.25
C GLU C 93 -18.08 -1.39 3.18
N ARG C 94 -17.19 -2.37 3.23
CA ARG C 94 -17.14 -3.40 2.20
C ARG C 94 -17.29 -4.78 2.81
N LEU C 95 -18.01 -5.66 2.10
CA LEU C 95 -18.21 -7.02 2.54
C LEU C 95 -17.15 -7.95 1.99
N GLU C 96 -16.48 -8.68 2.88
CA GLU C 96 -15.49 -9.65 2.45
C GLU C 96 -16.15 -11.02 2.43
N GLU C 97 -15.38 -12.04 2.07
CA GLU C 97 -15.87 -13.41 2.07
C GLU C 97 -16.37 -13.76 3.47
N ASN C 98 -17.34 -14.66 3.54
CA ASN C 98 -17.84 -15.17 4.82
C ASN C 98 -18.47 -14.10 5.71
N HIS C 99 -18.93 -13.01 5.09
CA HIS C 99 -19.75 -12.01 5.77
C HIS C 99 -19.00 -11.17 6.79
N TYR C 100 -17.69 -11.00 6.62
CA TYR C 100 -16.96 -10.04 7.43
C TYR C 100 -16.95 -8.69 6.73
N ASN C 101 -16.84 -7.62 7.52
CA ASN C 101 -16.78 -6.27 6.98
C ASN C 101 -15.38 -5.70 7.03
N THR C 102 -15.02 -4.93 6.01
CA THR C 102 -13.84 -4.07 6.09
C THR C 102 -14.29 -2.63 6.08
N TYR C 103 -13.47 -1.77 6.69
CA TYR C 103 -13.74 -0.34 6.69
C TYR C 103 -12.53 0.37 6.10
N ILE C 104 -12.75 1.05 4.98
CA ILE C 104 -11.67 1.68 4.24
C ILE C 104 -11.79 3.20 4.34
N SER C 105 -10.70 3.85 4.71
CA SER C 105 -10.67 5.30 4.67
C SER C 105 -10.96 5.79 3.25
N LYS C 106 -12.04 6.54 3.08
CA LYS C 106 -12.37 7.07 1.77
C LYS C 106 -11.28 8.04 1.30
N LYS C 107 -10.77 8.84 2.22
CA LYS C 107 -9.82 9.90 1.88
C LYS C 107 -8.44 9.36 1.58
N HIS C 108 -8.02 8.32 2.31
CA HIS C 108 -6.61 7.91 2.29
C HIS C 108 -6.40 6.45 1.92
N GLY C 109 -7.46 5.66 1.89
CA GLY C 109 -7.37 4.29 1.43
C GLY C 109 -7.00 3.25 2.48
N TRP C 110 -6.53 3.68 3.64
CA TRP C 110 -6.15 2.73 4.70
C TRP C 110 -7.31 1.82 5.11
N TYR C 111 -7.00 0.56 5.39
CA TYR C 111 -8.00 -0.31 6.03
C TYR C 111 -7.89 -0.15 7.53
N LEU C 112 -9.02 0.00 8.22
CA LEU C 112 -9.02 -0.06 9.67
C LEU C 112 -8.61 -1.46 10.12
N GLY C 113 -7.68 -1.54 11.08
CA GLY C 113 -7.27 -2.82 11.62
C GLY C 113 -6.93 -2.82 13.10
N ILE C 114 -7.15 -3.97 13.75
CA ILE C 114 -6.70 -4.16 15.12
C ILE C 114 -5.71 -5.31 15.16
N LYS C 115 -4.49 -4.98 15.58
CA LYS C 115 -3.42 -5.98 15.66
C LYS C 115 -3.65 -6.92 16.84
N LYS C 116 -2.89 -8.02 16.88
CA LYS C 116 -3.09 -9.03 17.90
C LYS C 116 -2.86 -8.48 19.31
N ASN C 117 -2.03 -7.44 19.42
CA ASN C 117 -1.75 -6.85 20.73
C ASN C 117 -2.76 -5.77 21.15
N GLY C 118 -3.80 -5.58 20.33
CA GLY C 118 -4.84 -4.64 20.67
C GLY C 118 -4.60 -3.24 20.12
N SER C 119 -3.45 -3.02 19.50
CA SER C 119 -3.19 -1.72 18.89
C SER C 119 -3.96 -1.56 17.58
N VAL C 120 -4.33 -0.32 17.28
CA VAL C 120 -5.16 -0.01 16.13
C VAL C 120 -4.45 0.98 15.22
N LYS C 121 -4.44 0.69 13.91
CA LYS C 121 -3.90 1.62 12.93
C LYS C 121 -4.48 1.34 11.55
N GLY C 122 -4.29 2.29 10.63
CA GLY C 122 -4.62 2.07 9.24
C GLY C 122 -3.59 1.11 8.68
N THR C 123 -4.04 0.10 7.94
CA THR C 123 -3.14 -0.96 7.52
C THR C 123 -3.56 -1.53 6.17
N HIS C 124 -2.92 -2.63 5.77
CA HIS C 124 -3.07 -3.12 4.40
C HIS C 124 -4.06 -4.28 4.25
N TYR C 125 -4.45 -4.55 3.02
CA TYR C 125 -5.41 -5.60 2.72
C TYR C 125 -4.78 -6.98 2.92
N GLY C 126 -5.62 -8.01 3.05
CA GLY C 126 -5.11 -9.36 3.00
C GLY C 126 -4.52 -9.87 4.29
N GLN C 127 -5.13 -9.45 5.40
CA GLN C 127 -4.76 -9.94 6.72
C GLN C 127 -5.98 -9.95 7.62
N LYS C 128 -5.90 -10.70 8.72
CA LYS C 128 -7.04 -10.83 9.62
C LYS C 128 -7.35 -9.55 10.39
N ALA C 129 -6.34 -8.70 10.57
CA ALA C 129 -6.52 -7.47 11.36
C ALA C 129 -7.65 -6.60 10.83
N ILE C 130 -7.99 -6.73 9.55
CA ILE C 130 -8.96 -5.81 8.96
C ILE C 130 -10.38 -6.36 8.86
N LEU C 131 -10.60 -7.57 9.39
CA LEU C 131 -11.90 -8.20 9.27
C LEU C 131 -12.75 -7.98 10.53
N PHE C 132 -13.90 -7.33 10.37
CA PHE C 132 -14.76 -7.01 11.49
C PHE C 132 -16.13 -7.65 11.38
N LEU C 133 -16.70 -7.93 12.54
CA LEU C 133 -18.11 -8.30 12.65
C LEU C 133 -18.79 -7.25 13.49
N PRO C 134 -19.76 -6.52 12.91
CA PRO C 134 -20.58 -5.65 13.76
C PRO C 134 -21.52 -6.51 14.60
N LEU C 135 -21.42 -6.42 15.92
CA LEU C 135 -22.19 -7.28 16.81
C LEU C 135 -23.17 -6.48 17.65
N PRO C 136 -24.25 -7.13 18.10
CA PRO C 136 -25.25 -6.40 18.88
C PRO C 136 -24.71 -5.94 20.23
N VAL C 137 -25.25 -4.83 20.71
CA VAL C 137 -24.83 -4.30 22.01
C VAL C 137 -25.76 -4.80 23.11
N SER C 138 -26.91 -5.29 22.70
CA SER C 138 -27.89 -5.83 23.64
C SER C 138 -28.82 -6.79 22.92
N SER C 139 -29.56 -7.59 23.69
CA SER C 139 -30.51 -8.54 23.13
C SER C 139 -31.60 -7.85 22.35
N ASP C 140 -32.21 -8.57 21.42
CA ASP C 140 -33.36 -8.08 20.68
C ASP C 140 -34.42 -7.52 21.62
N TYR D 14 2.47 -25.28 3.42
CA TYR D 14 3.81 -25.83 3.28
C TYR D 14 4.03 -26.44 1.91
N LYS D 15 3.10 -26.17 0.99
CA LYS D 15 3.11 -26.79 -0.32
C LYS D 15 4.39 -26.52 -1.11
N LYS D 16 4.71 -25.24 -1.31
CA LYS D 16 5.87 -24.88 -2.11
C LYS D 16 7.11 -24.60 -1.27
N PRO D 17 8.29 -24.79 -1.87
CA PRO D 17 9.54 -24.47 -1.18
C PRO D 17 9.62 -22.98 -0.89
N LYS D 18 10.48 -22.62 0.06
CA LYS D 18 10.61 -21.23 0.45
C LYS D 18 12.06 -20.85 0.69
N LEU D 19 12.33 -19.55 0.58
CA LEU D 19 13.55 -18.97 1.11
C LEU D 19 13.24 -18.52 2.52
N LEU D 20 14.18 -18.71 3.44
CA LEU D 20 13.98 -18.28 4.81
C LEU D 20 14.79 -17.00 5.07
N TYR D 21 14.11 -15.87 4.97
CA TYR D 21 14.75 -14.56 5.02
C TYR D 21 14.72 -14.04 6.45
N CYS D 22 15.89 -13.66 6.95
CA CYS D 22 16.00 -13.14 8.30
C CYS D 22 16.02 -11.62 8.29
N SER D 23 15.08 -11.01 8.99
CA SER D 23 14.91 -9.55 8.96
C SER D 23 16.04 -8.81 9.68
N ASN D 24 16.85 -9.52 10.45
CA ASN D 24 17.98 -8.91 11.14
C ASN D 24 18.97 -8.24 10.19
N GLY D 25 19.57 -9.04 9.30
CA GLY D 25 20.58 -8.55 8.36
C GLY D 25 20.18 -8.75 6.92
N GLY D 26 19.00 -9.33 6.71
CA GLY D 26 18.49 -9.56 5.36
C GLY D 26 19.04 -10.82 4.72
N HIS D 27 19.56 -11.74 5.53
CA HIS D 27 20.17 -12.94 4.99
C HIS D 27 19.15 -14.03 4.73
N PHE D 28 19.42 -14.83 3.71
CA PHE D 28 18.71 -16.09 3.50
C PHE D 28 19.45 -17.21 4.23
N LEU D 29 18.72 -18.06 4.94
CA LEU D 29 19.31 -19.24 5.57
C LEU D 29 19.91 -20.14 4.52
N ARG D 30 21.04 -20.76 4.84
CA ARG D 30 21.73 -21.61 3.89
C ARG D 30 22.32 -22.82 4.59
N ILE D 31 22.01 -24.02 4.10
CA ILE D 31 22.70 -25.22 4.55
C ILE D 31 23.61 -25.70 3.43
N LEU D 32 24.91 -25.66 3.67
CA LEU D 32 25.90 -26.07 2.68
C LEU D 32 26.04 -27.58 2.66
N PRO D 33 26.54 -28.13 1.55
CA PRO D 33 26.69 -29.58 1.41
C PRO D 33 27.44 -30.24 2.56
N ASP D 34 28.40 -29.54 3.15
CA ASP D 34 29.21 -30.11 4.24
C ASP D 34 28.49 -30.13 5.60
N GLY D 35 27.28 -29.61 5.66
CA GLY D 35 26.48 -29.64 6.88
C GLY D 35 26.53 -28.36 7.70
N THR D 36 27.38 -27.42 7.29
CA THR D 36 27.46 -26.14 7.98
C THR D 36 26.32 -25.23 7.55
N VAL D 37 25.95 -24.32 8.43
CA VAL D 37 24.78 -23.49 8.21
C VAL D 37 25.19 -22.05 8.43
N ASP D 38 24.79 -21.19 7.50
CA ASP D 38 25.07 -19.76 7.65
C ASP D 38 24.01 -18.96 6.91
N GLY D 39 24.26 -17.67 6.73
CA GLY D 39 23.29 -16.84 6.04
C GLY D 39 23.99 -16.16 4.88
N THR D 40 23.25 -15.92 3.80
CA THR D 40 23.81 -15.22 2.65
C THR D 40 22.76 -14.35 1.99
N ARG D 41 23.19 -13.25 1.41
CA ARG D 41 22.27 -12.40 0.65
C ARG D 41 22.35 -12.69 -0.85
N ASP D 42 23.18 -13.66 -1.22
CA ASP D 42 23.32 -14.06 -2.62
C ASP D 42 22.10 -14.84 -3.11
N ARG D 43 21.26 -14.18 -3.89
CA ARG D 43 20.00 -14.76 -4.31
C ARG D 43 20.20 -15.91 -5.29
N SER D 44 21.39 -15.98 -5.88
CA SER D 44 21.68 -17.01 -6.89
C SER D 44 22.19 -18.30 -6.25
N ASP D 45 22.41 -18.26 -4.94
CA ASP D 45 22.92 -19.43 -4.23
C ASP D 45 22.02 -20.64 -4.43
N GLN D 46 22.62 -21.81 -4.58
CA GLN D 46 21.85 -23.03 -4.81
C GLN D 46 21.39 -23.73 -3.54
N HIS D 47 21.76 -23.19 -2.38
CA HIS D 47 21.50 -23.88 -1.13
C HIS D 47 20.61 -23.11 -0.15
N ILE D 48 19.79 -22.21 -0.69
CA ILE D 48 18.92 -21.36 0.13
C ILE D 48 17.43 -21.72 0.03
N GLN D 49 17.12 -22.81 -0.67
CA GLN D 49 15.72 -23.21 -0.80
C GLN D 49 15.37 -24.34 0.15
N PHE D 50 14.24 -24.21 0.83
CA PHE D 50 13.83 -25.16 1.84
C PHE D 50 12.40 -25.65 1.66
N GLN D 51 12.18 -26.91 2.00
CA GLN D 51 10.83 -27.42 2.07
C GLN D 51 10.45 -27.57 3.54
N LEU D 52 9.41 -26.87 3.97
CA LEU D 52 8.90 -27.02 5.32
C LEU D 52 7.75 -28.01 5.33
N SER D 53 7.77 -28.94 6.29
CA SER D 53 6.73 -29.94 6.35
C SER D 53 6.19 -30.04 7.76
N ALA D 54 4.87 -30.23 7.88
CA ALA D 54 4.23 -30.24 9.19
C ALA D 54 4.16 -31.64 9.78
N GLU D 55 4.77 -31.81 10.95
CA GLU D 55 4.65 -33.05 11.69
C GLU D 55 3.32 -33.04 12.43
N SER D 56 3.30 -32.38 13.58
CA SER D 56 2.07 -32.11 14.29
C SER D 56 1.70 -30.65 14.02
N VAL D 57 0.54 -30.22 14.49
CA VAL D 57 0.14 -28.83 14.28
C VAL D 57 1.14 -27.89 14.94
N GLY D 58 1.64 -26.92 14.18
CA GLY D 58 2.56 -25.94 14.72
C GLY D 58 3.98 -26.47 14.86
N GLU D 59 4.21 -27.65 14.34
CA GLU D 59 5.56 -28.24 14.38
C GLU D 59 6.03 -28.55 12.97
N VAL D 60 7.28 -28.22 12.68
CA VAL D 60 7.79 -28.39 11.32
C VAL D 60 9.20 -28.95 11.26
N TYR D 61 9.49 -29.61 10.16
CA TYR D 61 10.86 -29.91 9.76
C TYR D 61 11.26 -28.92 8.66
N ILE D 62 12.53 -28.55 8.65
CA ILE D 62 13.05 -27.62 7.67
C ILE D 62 14.13 -28.31 6.87
N LYS D 63 13.83 -28.58 5.60
CA LYS D 63 14.66 -29.47 4.80
C LYS D 63 15.22 -28.77 3.57
N SER D 64 16.53 -28.84 3.41
CA SER D 64 17.18 -28.31 2.21
C SER D 64 16.66 -29.01 0.95
N THR D 65 16.12 -28.24 0.01
CA THR D 65 15.63 -28.84 -1.22
C THR D 65 16.77 -29.42 -2.05
N GLU D 66 17.95 -28.81 -1.96
CA GLU D 66 19.05 -29.21 -2.81
C GLU D 66 19.87 -30.37 -2.21
N THR D 67 20.09 -30.34 -0.90
CA THR D 67 20.96 -31.34 -0.29
C THR D 67 20.19 -32.42 0.46
N GLY D 68 18.91 -32.18 0.69
CA GLY D 68 18.10 -33.09 1.48
C GLY D 68 18.42 -33.08 2.97
N GLN D 69 19.28 -32.17 3.42
CA GLN D 69 19.62 -32.11 4.84
C GLN D 69 18.53 -31.43 5.65
N TYR D 70 18.30 -31.91 6.86
CA TYR D 70 17.37 -31.28 7.77
C TYR D 70 18.11 -30.30 8.68
N LEU D 71 17.51 -29.15 8.90
CA LEU D 71 18.05 -28.19 9.85
C LEU D 71 17.88 -28.73 11.27
N ALA D 72 18.90 -28.53 12.10
CA ALA D 72 18.87 -29.02 13.48
C ALA D 72 19.67 -28.10 14.41
N ILE D 73 19.34 -28.13 15.69
CA ILE D 73 20.09 -27.38 16.69
C ILE D 73 20.46 -28.32 17.83
N ASP D 74 21.72 -28.33 18.23
CA ASP D 74 22.14 -29.19 19.34
C ASP D 74 21.96 -28.52 20.70
N THR D 75 22.30 -29.24 21.76
CA THR D 75 22.02 -28.80 23.11
C THR D 75 22.75 -27.49 23.44
N ASP D 76 23.88 -27.24 22.80
CA ASP D 76 24.67 -26.03 23.06
C ASP D 76 24.37 -24.88 22.11
N GLY D 77 23.38 -25.07 21.25
CA GLY D 77 22.96 -24.02 20.33
C GLY D 77 23.64 -24.03 18.96
N LEU D 78 24.41 -25.07 18.69
CA LEU D 78 25.07 -25.20 17.39
C LEU D 78 24.04 -25.64 16.35
N VAL D 79 23.98 -24.92 15.23
CA VAL D 79 23.04 -25.25 14.17
C VAL D 79 23.77 -26.04 13.11
N TYR D 80 23.18 -27.15 12.70
CA TYR D 80 23.83 -28.05 11.75
C TYR D 80 22.81 -28.66 10.82
N GLY D 81 23.31 -29.24 9.73
CA GLY D 81 22.46 -29.98 8.81
C GLY D 81 22.62 -31.46 9.06
N SER D 82 21.49 -32.16 9.04
CA SER D 82 21.46 -33.58 9.36
C SER D 82 20.90 -34.36 8.17
N GLN D 83 21.63 -35.38 7.73
CA GLN D 83 21.16 -36.20 6.62
C GLN D 83 19.89 -36.97 7.00
N THR D 84 19.84 -37.44 8.23
CA THR D 84 18.66 -38.14 8.72
C THR D 84 17.93 -37.26 9.72
N PRO D 85 16.61 -37.16 9.61
CA PRO D 85 15.87 -36.38 10.59
C PRO D 85 15.94 -37.05 11.97
N ASN D 86 16.16 -36.24 13.00
CA ASN D 86 16.18 -36.71 14.38
C ASN D 86 15.42 -35.74 15.27
N GLU D 87 15.46 -35.96 16.59
CA GLU D 87 14.65 -35.19 17.51
C GLU D 87 15.08 -33.73 17.53
N GLU D 88 16.33 -33.48 17.14
CA GLU D 88 16.84 -32.12 17.13
C GLU D 88 16.44 -31.36 15.88
N CYS D 89 15.74 -32.04 14.97
CA CYS D 89 15.31 -31.43 13.71
C CYS D 89 13.90 -30.89 13.75
N LEU D 90 13.20 -31.11 14.85
CA LEU D 90 11.81 -30.70 14.95
C LEU D 90 11.71 -29.29 15.55
N PHE D 91 11.07 -28.39 14.81
CA PHE D 91 10.91 -27.01 15.24
C PHE D 91 9.47 -26.66 15.55
N LEU D 92 9.28 -25.79 16.53
CA LEU D 92 7.98 -25.20 16.75
C LEU D 92 7.94 -23.93 15.91
N GLU D 93 6.98 -23.85 15.00
CA GLU D 93 6.84 -22.67 14.16
C GLU D 93 5.84 -21.75 14.84
N ARG D 94 6.29 -20.59 15.27
CA ARG D 94 5.42 -19.66 15.98
C ARG D 94 5.33 -18.33 15.26
N LEU D 95 4.12 -17.78 15.21
CA LEU D 95 3.91 -16.47 14.60
C LEU D 95 4.12 -15.37 15.63
N GLU D 96 4.97 -14.41 15.28
CA GLU D 96 5.22 -13.28 16.15
C GLU D 96 4.41 -12.09 15.64
N GLU D 97 4.45 -10.98 16.37
CA GLU D 97 3.75 -9.78 15.96
C GLU D 97 4.19 -9.35 14.57
N ASN D 98 3.23 -8.86 13.77
CA ASN D 98 3.52 -8.37 12.43
C ASN D 98 3.89 -9.46 11.41
N HIS D 99 3.38 -10.67 11.64
CA HIS D 99 3.46 -11.75 10.66
C HIS D 99 4.87 -12.32 10.42
N TYR D 100 5.77 -12.21 11.39
CA TYR D 100 7.06 -12.88 11.28
C TYR D 100 6.99 -14.26 11.93
N ASN D 101 7.81 -15.19 11.46
CA ASN D 101 7.89 -16.51 12.05
C ASN D 101 9.14 -16.67 12.90
N THR D 102 9.00 -17.37 14.04
CA THR D 102 10.17 -17.88 14.75
C THR D 102 10.17 -19.39 14.67
N TYR D 103 11.36 -19.95 14.78
CA TYR D 103 11.51 -21.40 14.73
C TYR D 103 12.26 -21.82 15.97
N ILE D 104 11.57 -22.57 16.82
CA ILE D 104 12.08 -22.92 18.13
C ILE D 104 12.41 -24.40 18.17
N SER D 105 13.61 -24.73 18.60
CA SER D 105 13.98 -26.12 18.80
C SER D 105 13.03 -26.76 19.81
N LYS D 106 12.28 -27.78 19.39
CA LYS D 106 11.37 -28.44 20.32
C LYS D 106 12.14 -29.13 21.45
N LYS D 107 13.27 -29.73 21.11
CA LYS D 107 14.06 -30.48 22.08
C LYS D 107 14.78 -29.58 23.09
N HIS D 108 15.34 -28.47 22.61
CA HIS D 108 16.25 -27.67 23.42
C HIS D 108 15.81 -26.25 23.74
N GLY D 109 14.80 -25.76 23.03
CA GLY D 109 14.29 -24.42 23.30
C GLY D 109 14.92 -23.28 22.53
N TRP D 110 16.07 -23.52 21.91
CA TRP D 110 16.77 -22.46 21.19
C TRP D 110 15.93 -21.86 20.06
N TYR D 111 16.04 -20.55 19.88
CA TYR D 111 15.44 -19.90 18.72
C TYR D 111 16.45 -19.90 17.59
N LEU D 112 16.04 -20.28 16.39
CA LEU D 112 16.92 -20.15 15.24
C LEU D 112 17.16 -18.66 15.00
N GLY D 113 18.42 -18.29 14.78
CA GLY D 113 18.72 -16.89 14.50
C GLY D 113 19.87 -16.71 13.53
N ILE D 114 19.84 -15.62 12.77
CA ILE D 114 20.96 -15.24 11.93
C ILE D 114 21.45 -13.89 12.40
N LYS D 115 22.71 -13.84 12.84
CA LYS D 115 23.29 -12.59 13.31
C LYS D 115 23.60 -11.67 12.14
N LYS D 116 23.87 -10.40 12.45
CA LYS D 116 24.09 -9.41 11.40
C LYS D 116 25.29 -9.76 10.51
N ASN D 117 26.25 -10.50 11.06
CA ASN D 117 27.42 -10.89 10.28
C ASN D 117 27.20 -12.16 9.46
N GLY D 118 25.97 -12.66 9.47
CA GLY D 118 25.62 -13.81 8.67
C GLY D 118 25.81 -15.15 9.37
N SER D 119 26.35 -15.14 10.58
CA SER D 119 26.52 -16.39 11.31
C SER D 119 25.17 -16.85 11.87
N VAL D 120 25.00 -18.18 11.97
CA VAL D 120 23.73 -18.75 12.41
C VAL D 120 23.97 -19.58 13.66
N LYS D 121 23.11 -19.42 14.65
CA LYS D 121 23.18 -20.22 15.87
C LYS D 121 21.84 -20.21 16.58
N GLY D 122 21.68 -21.12 17.53
CA GLY D 122 20.52 -21.11 18.40
C GLY D 122 20.72 -19.98 19.40
N THR D 123 19.68 -19.19 19.61
CA THR D 123 19.84 -17.99 20.43
C THR D 123 18.57 -17.66 21.19
N HIS D 124 18.52 -16.46 21.76
CA HIS D 124 17.48 -16.13 22.71
C HIS D 124 16.36 -15.26 22.12
N TYR D 125 15.25 -15.19 22.82
CA TYR D 125 14.09 -14.43 22.37
C TYR D 125 14.33 -12.94 22.49
N GLY D 126 13.52 -12.14 21.80
CA GLY D 126 13.54 -10.71 21.99
C GLY D 126 14.63 -9.99 21.22
N GLN D 127 14.95 -10.47 20.04
CA GLN D 127 15.92 -9.82 19.18
C GLN D 127 15.54 -10.03 17.71
N LYS D 128 16.08 -9.20 16.83
CA LYS D 128 15.70 -9.27 15.43
C LYS D 128 16.22 -10.54 14.77
N ALA D 129 17.32 -11.09 15.31
CA ALA D 129 17.97 -12.24 14.69
C ALA D 129 17.04 -13.44 14.51
N ILE D 130 15.97 -13.51 15.30
CA ILE D 130 15.15 -14.71 15.31
C ILE D 130 13.90 -14.57 14.42
N LEU D 131 13.76 -13.41 13.77
CA LEU D 131 12.54 -13.12 13.01
C LEU D 131 12.69 -13.44 11.54
N PHE D 132 11.86 -14.37 11.05
CA PHE D 132 11.99 -14.86 9.68
C PHE D 132 10.74 -14.60 8.84
N LEU D 133 10.96 -14.41 7.55
CA LEU D 133 9.89 -14.40 6.55
C LEU D 133 10.15 -15.52 5.55
N PRO D 134 9.26 -16.52 5.51
CA PRO D 134 9.42 -17.51 4.44
C PRO D 134 8.98 -16.90 3.09
N LEU D 135 9.92 -16.74 2.14
CA LEU D 135 9.64 -16.01 0.90
C LEU D 135 9.56 -16.94 -0.31
N PRO D 136 8.87 -16.49 -1.37
CA PRO D 136 8.73 -17.35 -2.56
C PRO D 136 10.05 -17.59 -3.28
N VAL D 137 10.21 -18.78 -3.83
CA VAL D 137 11.41 -19.12 -4.59
C VAL D 137 11.28 -18.71 -6.05
N SER D 138 10.04 -18.49 -6.48
CA SER D 138 9.78 -18.09 -7.85
C SER D 138 8.40 -17.46 -7.92
N SER D 139 8.13 -16.79 -9.04
CA SER D 139 6.83 -16.15 -9.24
C SER D 139 5.71 -17.17 -9.29
N ASP D 140 4.53 -16.76 -8.84
CA ASP D 140 3.35 -17.62 -8.88
C ASP D 140 3.16 -18.19 -10.28
C1 GOL E . -14.53 33.82 -18.51
O1 GOL E . -13.72 34.88 -18.99
C2 GOL E . -15.93 34.32 -18.13
O2 GOL E . -15.84 35.12 -16.98
C3 GOL E . -16.53 35.14 -19.28
O3 GOL E . -17.85 35.53 -18.95
C1 GOL F . 12.71 -12.40 -5.35
O1 GOL F . 13.45 -13.32 -4.58
C2 GOL F . 12.02 -13.14 -6.50
O2 GOL F . 13.01 -13.83 -7.22
C3 GOL F . 11.02 -14.15 -5.96
O3 GOL F . 10.49 -14.90 -7.03
#